data_7BCV
#
_entry.id   7BCV
#
_cell.length_a   1.00
_cell.length_b   1.00
_cell.length_c   1.00
_cell.angle_alpha   90.00
_cell.angle_beta   90.00
_cell.angle_gamma   90.00
#
_symmetry.space_group_name_H-M   'P 1'
#
_entity_poly.entity_id   1
_entity_poly.type   'polypeptide(L)'
_entity_poly.pdbx_seq_one_letter_code
;VNNLYRELAPIPGPAWAEIEEEARRTFKRNIAGRRIVDVAGPTGFETSAVTTGHIRDVQSETSGLQVKQRIVQEYIELRT
PFTVTRQAIDDVARGSGDSDWQPVKDAATTIAMAEDRAILHGLDAAGIGGIVPGSSNAAVAIPDAVEDFADAVAQALSVL
RTVGVDGPYSLLLSSAEYTKVSESTDHGYPIREHLSRQLGAGEIIWAPALEGALLVSTRGGDYELHLGQDLSIGYYSHDS
ETVELYLQETFGFLALTDESSVPLSL
;
_entity_poly.pdbx_strand_id   A
#
# COMPACT_ATOMS: atom_id res chain seq x y z
N VAL A 1 26.52 13.96 -1.52
CA VAL A 1 25.76 12.95 -0.81
C VAL A 1 24.42 13.57 -0.40
N ASN A 2 23.38 12.75 -0.28
CA ASN A 2 22.08 13.15 0.25
C ASN A 2 21.84 12.36 1.54
N ASN A 3 20.60 12.42 2.07
CA ASN A 3 20.33 11.86 3.39
C ASN A 3 20.44 10.34 3.43
N LEU A 4 20.18 9.66 2.32
CA LEU A 4 20.67 8.31 2.11
C LEU A 4 22.18 8.42 1.91
N TYR A 5 22.96 7.84 2.79
CA TYR A 5 24.41 8.02 2.72
C TYR A 5 25.04 6.88 1.92
N ARG A 6 24.64 6.81 0.66
CA ARG A 6 24.93 5.66 -0.18
C ARG A 6 26.41 5.54 -0.50
N GLU A 7 27.09 6.68 -0.68
CA GLU A 7 28.50 6.73 -1.02
C GLU A 7 29.42 6.28 0.12
N LEU A 8 28.90 6.18 1.34
CA LEU A 8 29.65 5.66 2.47
C LEU A 8 29.49 4.16 2.70
N ALA A 9 28.52 3.53 2.06
CA ALA A 9 28.33 2.09 2.18
C ALA A 9 29.44 1.35 1.46
N PRO A 10 30.07 0.33 2.08
CA PRO A 10 31.07 -0.49 1.38
C PRO A 10 30.42 -1.53 0.47
N ILE A 11 29.75 -1.04 -0.56
CA ILE A 11 28.96 -1.86 -1.46
C ILE A 11 29.29 -1.41 -2.87
N PRO A 12 29.89 -2.26 -3.71
CA PRO A 12 30.11 -1.88 -5.11
C PRO A 12 28.82 -1.79 -5.89
N GLY A 13 28.89 -1.06 -7.00
CA GLY A 13 27.81 -0.85 -7.94
C GLY A 13 26.95 -2.05 -8.32
N PRO A 14 27.56 -3.15 -8.77
CA PRO A 14 26.75 -4.34 -9.10
C PRO A 14 26.10 -5.02 -7.91
N ALA A 15 26.70 -4.97 -6.72
CA ALA A 15 25.99 -5.44 -5.53
C ALA A 15 24.82 -4.53 -5.18
N TRP A 16 25.00 -3.21 -5.36
CA TRP A 16 23.90 -2.26 -5.20
C TRP A 16 22.76 -2.56 -6.16
N ALA A 17 23.08 -2.89 -7.40
CA ALA A 17 22.06 -3.19 -8.41
C ALA A 17 21.26 -4.44 -8.03
N GLU A 18 21.93 -5.44 -7.45
CA GLU A 18 21.23 -6.66 -7.04
C GLU A 18 20.32 -6.42 -5.83
N ILE A 19 20.79 -5.62 -4.86
CA ILE A 19 19.97 -5.29 -3.71
C ILE A 19 18.76 -4.47 -4.12
N GLU A 20 18.98 -3.48 -5.00
CA GLU A 20 17.91 -2.68 -5.57
C GLU A 20 16.89 -3.53 -6.30
N GLU A 21 17.35 -4.49 -7.12
CA GLU A 21 16.43 -5.30 -7.92
C GLU A 21 15.58 -6.19 -7.04
N GLU A 22 16.18 -6.79 -6.00
CA GLU A 22 15.40 -7.60 -5.07
C GLU A 22 14.39 -6.76 -4.30
N ALA A 23 14.79 -5.55 -3.86
CA ALA A 23 13.89 -4.64 -3.16
C ALA A 23 12.69 -4.23 -4.04
N ARG A 24 12.95 -3.79 -5.28
CA ARG A 24 11.89 -3.35 -6.18
C ARG A 24 10.96 -4.49 -6.54
N ARG A 25 11.51 -5.65 -6.88
CA ARG A 25 10.71 -6.80 -7.28
C ARG A 25 9.83 -7.30 -6.15
N THR A 26 10.36 -7.37 -4.93
CA THR A 26 9.55 -7.82 -3.81
C THR A 26 8.51 -6.79 -3.41
N PHE A 27 8.87 -5.51 -3.46
CA PHE A 27 7.94 -4.44 -3.07
C PHE A 27 6.75 -4.36 -4.01
N LYS A 28 7.00 -4.43 -5.32
CA LYS A 28 5.94 -4.29 -6.32
C LYS A 28 4.92 -5.42 -6.26
N ARG A 29 5.35 -6.65 -6.02
CA ARG A 29 4.42 -7.77 -5.90
C ARG A 29 3.59 -7.73 -4.63
N ASN A 30 4.00 -6.99 -3.61
CA ASN A 30 3.28 -6.96 -2.35
C ASN A 30 2.49 -5.68 -2.12
N ILE A 31 2.59 -4.69 -3.00
CA ILE A 31 1.77 -3.49 -2.87
C ILE A 31 0.47 -3.68 -3.64
N ALA A 32 -0.64 -3.39 -2.98
CA ALA A 32 -1.94 -3.51 -3.58
C ALA A 32 -2.68 -2.18 -3.65
N GLY A 33 -2.40 -1.25 -2.74
CA GLY A 33 -3.10 0.02 -2.72
C GLY A 33 -2.75 0.91 -3.89
N ARG A 34 -1.55 0.77 -4.43
CA ARG A 34 -1.13 1.62 -5.55
C ARG A 34 -1.87 1.29 -6.84
N ARG A 35 -2.47 0.12 -6.94
CA ARG A 35 -3.20 -0.27 -8.13
C ARG A 35 -4.62 0.26 -8.18
N ILE A 36 -5.15 0.75 -7.06
CA ILE A 36 -6.52 1.27 -7.02
C ILE A 36 -6.57 2.77 -6.70
N VAL A 37 -5.46 3.39 -6.36
CA VAL A 37 -5.43 4.74 -5.85
C VAL A 37 -4.72 5.61 -6.88
N ASP A 38 -5.23 6.83 -7.11
CA ASP A 38 -4.50 7.82 -7.88
C ASP A 38 -3.20 8.16 -7.17
N VAL A 39 -2.08 8.01 -7.87
CA VAL A 39 -0.75 8.18 -7.30
C VAL A 39 -0.16 9.47 -7.87
N ALA A 40 -0.24 10.55 -7.09
CA ALA A 40 0.53 11.74 -7.40
C ALA A 40 2.00 11.43 -7.19
N GLY A 41 2.80 11.63 -8.24
CA GLY A 41 4.15 11.09 -8.33
C GLY A 41 5.08 11.63 -7.28
N PRO A 42 6.28 11.04 -7.17
CA PRO A 42 7.21 11.42 -6.09
C PRO A 42 7.73 12.85 -6.27
N THR A 43 7.48 13.68 -5.27
CA THR A 43 7.85 15.08 -5.30
C THR A 43 9.07 15.40 -4.44
N GLY A 44 9.64 14.42 -3.76
CA GLY A 44 10.90 14.58 -3.08
C GLY A 44 10.79 14.36 -1.58
N PHE A 45 11.95 14.32 -0.95
CA PHE A 45 12.02 14.13 0.49
C PHE A 45 11.57 15.36 1.27
N GLU A 46 11.65 16.54 0.68
CA GLU A 46 11.40 17.77 1.42
C GLU A 46 9.91 18.04 1.65
N THR A 47 9.00 17.48 0.86
CA THR A 47 7.59 17.75 1.06
C THR A 47 7.05 17.05 2.29
N SER A 48 6.16 17.73 2.99
CA SER A 48 5.81 17.37 4.34
C SER A 48 4.33 17.25 4.60
N ALA A 49 3.47 17.78 3.74
CA ALA A 49 2.05 17.80 4.01
C ALA A 49 1.29 17.90 2.71
N VAL A 50 0.06 17.43 2.74
CA VAL A 50 -0.93 17.69 1.71
C VAL A 50 -2.16 18.27 2.41
N THR A 51 -2.68 19.36 1.87
CA THR A 51 -3.84 20.00 2.47
C THR A 51 -5.10 19.17 2.27
N THR A 52 -6.02 19.28 3.21
CA THR A 52 -7.35 18.75 3.00
C THR A 52 -8.30 19.79 2.44
N GLY A 53 -7.84 21.04 2.30
CA GLY A 53 -8.65 22.15 1.88
C GLY A 53 -9.74 22.56 2.85
N HIS A 54 -9.68 22.10 4.08
CA HIS A 54 -10.65 22.48 5.10
C HIS A 54 -10.00 23.38 6.14
N ILE A 55 -10.83 24.19 6.78
CA ILE A 55 -10.35 25.11 7.81
C ILE A 55 -10.99 24.75 9.14
N ARG A 56 -10.56 25.43 10.18
CA ARG A 56 -10.98 25.15 11.55
C ARG A 56 -10.98 26.45 12.32
N ASP A 57 -11.97 26.63 13.19
CA ASP A 57 -12.09 27.86 13.97
C ASP A 57 -11.01 27.94 15.03
N VAL A 58 -10.38 29.10 15.14
CA VAL A 58 -9.38 29.38 16.16
C VAL A 58 -9.99 30.37 17.14
N GLN A 59 -9.75 30.14 18.43
CA GLN A 59 -10.29 31.01 19.47
C GLN A 59 -9.59 32.36 19.45
N SER A 60 -10.38 33.42 19.35
CA SER A 60 -9.88 34.79 19.37
C SER A 60 -10.83 35.65 20.19
N GLU A 61 -10.29 36.63 20.89
CA GLU A 61 -11.09 37.55 21.68
C GLU A 61 -11.05 38.98 21.16
N THR A 62 -10.32 39.24 20.08
CA THR A 62 -10.32 40.56 19.46
C THR A 62 -11.65 40.83 18.78
N SER A 63 -12.20 42.01 19.03
CA SER A 63 -13.49 42.40 18.45
C SER A 63 -13.35 42.60 16.94
N GLY A 64 -14.23 41.96 16.18
CA GLY A 64 -14.20 42.11 14.74
C GLY A 64 -13.09 41.37 14.03
N LEU A 65 -12.60 40.27 14.61
CA LEU A 65 -11.52 39.48 14.02
C LEU A 65 -11.89 38.01 14.06
N GLN A 66 -11.86 37.37 12.90
CA GLN A 66 -12.13 35.94 12.80
C GLN A 66 -10.85 35.23 12.38
N VAL A 67 -10.48 34.19 13.11
CA VAL A 67 -9.27 33.43 12.83
C VAL A 67 -9.65 32.02 12.46
N LYS A 68 -9.17 31.56 11.32
CA LYS A 68 -9.26 30.16 10.91
C LYS A 68 -7.86 29.58 10.85
N GLN A 69 -7.76 28.26 10.91
CA GLN A 69 -6.51 27.57 10.64
C GLN A 69 -6.77 26.49 9.62
N ARG A 70 -5.91 26.42 8.61
CA ARG A 70 -5.96 25.34 7.62
C ARG A 70 -5.72 23.99 8.28
N ILE A 71 -6.18 22.94 7.61
CA ILE A 71 -6.03 21.58 8.10
C ILE A 71 -5.29 20.79 7.04
N VAL A 72 -4.13 20.23 7.39
CA VAL A 72 -3.35 19.42 6.47
C VAL A 72 -3.19 18.03 7.05
N GLN A 73 -2.69 17.13 6.23
CA GLN A 73 -2.23 15.82 6.68
C GLN A 73 -0.73 15.76 6.50
N GLU A 74 0.00 15.64 7.61
CA GLU A 74 1.45 15.52 7.57
C GLU A 74 1.88 14.14 7.09
N TYR A 75 2.88 14.14 6.20
CA TYR A 75 3.40 12.92 5.61
C TYR A 75 4.04 12.04 6.67
N ILE A 76 3.90 10.76 6.51
CA ILE A 76 4.59 9.83 7.38
C ILE A 76 5.81 9.30 6.64
N GLU A 77 6.86 9.04 7.42
CA GLU A 77 8.06 8.36 6.93
C GLU A 77 8.04 6.93 7.47
N LEU A 78 8.13 5.97 6.58
CA LEU A 78 8.25 4.56 6.95
C LEU A 78 9.69 4.14 6.74
N ARG A 79 10.27 3.46 7.72
CA ARG A 79 11.63 2.95 7.58
C ARG A 79 11.72 1.50 8.04
N THR A 80 12.23 0.64 7.17
CA THR A 80 12.51 -0.75 7.52
C THR A 80 14.00 -1.04 7.40
N PRO A 81 14.72 -1.19 8.50
CA PRO A 81 16.14 -1.52 8.42
C PRO A 81 16.40 -3.01 8.26
N PHE A 82 17.47 -3.31 7.53
CA PHE A 82 17.85 -4.68 7.24
C PHE A 82 19.36 -4.77 7.19
N THR A 83 19.88 -5.92 7.57
CA THR A 83 21.32 -6.13 7.63
C THR A 83 21.74 -7.17 6.59
N VAL A 84 22.78 -6.83 5.84
CA VAL A 84 23.28 -7.66 4.76
C VAL A 84 24.72 -8.02 5.09
N THR A 85 25.06 -9.29 4.93
CA THR A 85 26.42 -9.72 5.21
C THR A 85 27.37 -9.22 4.13
N ARG A 86 28.59 -8.91 4.53
CA ARG A 86 29.55 -8.41 3.58
C ARG A 86 30.10 -9.50 2.67
N GLN A 87 29.96 -10.77 3.07
CA GLN A 87 30.38 -11.88 2.23
C GLN A 87 29.54 -12.00 0.95
N ALA A 88 28.23 -11.78 1.05
CA ALA A 88 27.37 -11.78 -0.14
C ALA A 88 27.72 -10.60 -1.06
N ILE A 89 27.92 -9.42 -0.46
CA ILE A 89 28.31 -8.21 -1.19
C ILE A 89 29.61 -8.45 -1.96
N ASP A 90 30.62 -8.98 -1.27
CA ASP A 90 31.93 -9.21 -1.87
C ASP A 90 31.91 -10.35 -2.88
N ASP A 91 31.03 -11.34 -2.68
CA ASP A 91 30.92 -12.44 -3.63
C ASP A 91 30.30 -12.03 -4.94
N VAL A 92 29.52 -10.93 -4.98
CA VAL A 92 29.02 -10.40 -6.26
C VAL A 92 30.18 -10.12 -7.23
N ALA A 93 31.30 -9.57 -6.75
CA ALA A 93 32.43 -9.27 -7.62
C ALA A 93 33.22 -10.52 -8.02
N ARG A 94 33.06 -11.65 -7.33
CA ARG A 94 33.66 -12.90 -7.77
C ARG A 94 32.79 -13.68 -8.74
N GLY A 95 31.63 -13.14 -9.11
CA GLY A 95 30.74 -13.80 -10.04
C GLY A 95 29.67 -14.66 -9.42
N SER A 96 29.39 -14.50 -8.14
CA SER A 96 28.28 -15.24 -7.52
C SER A 96 26.94 -14.76 -8.04
N GLY A 97 26.02 -15.70 -8.20
CA GLY A 97 24.67 -15.41 -8.64
C GLY A 97 23.65 -15.87 -7.63
N ASP A 98 24.11 -16.21 -6.42
CA ASP A 98 23.24 -16.70 -5.38
C ASP A 98 23.56 -16.05 -4.04
N SER A 99 23.94 -14.77 -4.06
CA SER A 99 24.18 -14.03 -2.83
C SER A 99 22.89 -13.86 -2.04
N ASP A 100 22.99 -14.00 -0.72
CA ASP A 100 21.80 -14.00 0.14
C ASP A 100 21.25 -12.60 0.28
N TRP A 101 20.13 -12.33 -0.40
CA TRP A 101 19.41 -11.07 -0.25
C TRP A 101 18.06 -11.26 0.42
N GLN A 102 17.85 -12.39 1.11
CA GLN A 102 16.66 -12.59 1.93
C GLN A 102 16.37 -11.49 2.98
N PRO A 103 17.36 -10.84 3.64
CA PRO A 103 17.00 -9.69 4.49
C PRO A 103 16.38 -8.53 3.74
N VAL A 104 16.78 -8.27 2.49
CA VAL A 104 16.22 -7.12 1.81
C VAL A 104 14.81 -7.47 1.36
N LYS A 105 14.59 -8.75 1.07
CA LYS A 105 13.27 -9.23 0.67
C LYS A 105 12.30 -9.17 1.83
N ASP A 106 12.77 -9.51 3.03
CA ASP A 106 11.94 -9.42 4.23
C ASP A 106 11.62 -7.96 4.55
N ALA A 107 12.60 -7.07 4.38
CA ALA A 107 12.38 -5.64 4.59
C ALA A 107 11.41 -5.05 3.56
N ALA A 108 11.50 -5.49 2.30
CA ALA A 108 10.60 -4.97 1.27
C ALA A 108 9.18 -5.46 1.49
N THR A 109 9.03 -6.70 1.96
CA THR A 109 7.73 -7.23 2.34
C THR A 109 7.13 -6.45 3.50
N THR A 110 7.95 -6.13 4.52
CA THR A 110 7.48 -5.39 5.67
C THR A 110 7.05 -3.96 5.31
N ILE A 111 7.84 -3.26 4.47
CA ILE A 111 7.49 -1.89 4.15
C ILE A 111 6.30 -1.82 3.19
N ALA A 112 6.16 -2.80 2.28
CA ALA A 112 4.99 -2.86 1.40
C ALA A 112 3.72 -3.15 2.18
N MET A 113 3.82 -4.03 3.19
CA MET A 113 2.67 -4.34 4.01
C MET A 113 2.31 -3.18 4.93
N ALA A 114 3.29 -2.42 5.40
CA ALA A 114 3.02 -1.23 6.19
C ALA A 114 2.34 -0.15 5.35
N GLU A 115 2.76 0.00 4.10
CA GLU A 115 2.16 1.01 3.24
C GLU A 115 0.71 0.66 2.91
N ASP A 116 0.45 -0.60 2.57
CA ASP A 116 -0.93 -1.02 2.32
C ASP A 116 -1.77 -1.02 3.58
N ARG A 117 -1.17 -1.29 4.74
CA ARG A 117 -1.92 -1.22 5.98
C ARG A 117 -2.30 0.21 6.33
N ALA A 118 -1.45 1.18 5.98
CA ALA A 118 -1.82 2.58 6.17
C ALA A 118 -2.91 3.01 5.21
N ILE A 119 -2.81 2.59 3.94
CA ILE A 119 -3.80 3.01 2.95
C ILE A 119 -5.15 2.34 3.20
N LEU A 120 -5.15 1.04 3.48
CA LEU A 120 -6.40 0.30 3.52
C LEU A 120 -7.10 0.40 4.88
N HIS A 121 -6.37 0.22 5.97
CA HIS A 121 -6.98 0.24 7.30
C HIS A 121 -6.66 1.46 8.12
N GLY A 122 -5.90 2.41 7.59
CA GLY A 122 -5.59 3.62 8.30
C GLY A 122 -4.43 3.46 9.27
N LEU A 123 -3.94 4.61 9.74
CA LEU A 123 -2.90 4.67 10.76
C LEU A 123 -3.33 5.78 11.71
N ASP A 124 -4.04 5.39 12.78
CA ASP A 124 -4.70 6.35 13.65
C ASP A 124 -3.75 7.08 14.57
N ALA A 125 -2.55 6.54 14.81
CA ALA A 125 -1.53 7.26 15.56
C ALA A 125 -0.95 8.43 14.76
N ALA A 126 -1.22 8.50 13.46
CA ALA A 126 -0.79 9.61 12.63
C ALA A 126 -1.96 10.33 11.95
N GLY A 127 -3.19 9.90 12.20
CA GLY A 127 -4.33 10.53 11.59
C GLY A 127 -4.53 10.23 10.13
N ILE A 128 -4.03 9.09 9.65
CA ILE A 128 -4.34 8.61 8.31
C ILE A 128 -5.65 7.83 8.35
N GLY A 129 -6.62 8.24 7.55
CA GLY A 129 -7.87 7.53 7.43
C GLY A 129 -7.80 6.55 6.29
N GLY A 130 -8.02 5.28 6.59
CA GLY A 130 -8.00 4.25 5.59
C GLY A 130 -9.30 4.13 4.80
N ILE A 131 -9.21 3.41 3.67
CA ILE A 131 -10.34 3.18 2.80
C ILE A 131 -11.42 2.36 3.51
N VAL A 132 -11.02 1.32 4.23
CA VAL A 132 -11.98 0.42 4.87
C VAL A 132 -12.71 1.08 6.05
N PRO A 133 -12.08 1.72 7.05
CA PRO A 133 -12.90 2.35 8.10
C PRO A 133 -13.60 3.62 7.66
N GLY A 134 -13.17 4.25 6.59
CA GLY A 134 -13.85 5.40 6.04
C GLY A 134 -14.98 5.09 5.10
N SER A 135 -15.30 3.82 4.87
CA SER A 135 -16.35 3.48 3.92
C SER A 135 -17.72 3.72 4.56
N SER A 136 -18.57 4.45 3.85
CA SER A 136 -19.91 4.69 4.33
C SER A 136 -20.87 3.54 4.02
N ASN A 137 -20.46 2.62 3.15
CA ASN A 137 -21.26 1.44 2.86
C ASN A 137 -21.05 0.39 3.94
N ALA A 138 -22.13 -0.29 4.31
CA ALA A 138 -22.03 -1.34 5.30
C ALA A 138 -21.28 -2.56 4.74
N ALA A 139 -20.74 -3.36 5.64
CA ALA A 139 -19.96 -4.52 5.24
C ALA A 139 -20.87 -5.67 4.84
N VAL A 140 -20.67 -6.17 3.63
CA VAL A 140 -21.30 -7.41 3.17
C VAL A 140 -20.51 -8.58 3.72
N ALA A 141 -21.19 -9.49 4.42
CA ALA A 141 -20.51 -10.56 5.13
C ALA A 141 -20.00 -11.63 4.15
N ILE A 142 -18.72 -11.97 4.28
CA ILE A 142 -18.12 -13.07 3.53
C ILE A 142 -18.72 -14.36 4.05
N PRO A 143 -19.28 -15.21 3.19
CA PRO A 143 -19.76 -16.51 3.64
C PRO A 143 -18.61 -17.46 3.91
N ASP A 144 -18.89 -18.45 4.77
CA ASP A 144 -17.87 -19.42 5.12
C ASP A 144 -17.65 -20.43 3.99
N ALA A 145 -18.64 -20.63 3.15
CA ALA A 145 -18.46 -21.43 1.96
C ALA A 145 -17.91 -20.56 0.83
N VAL A 146 -16.88 -21.07 0.15
CA VAL A 146 -16.28 -20.32 -0.94
C VAL A 146 -17.18 -20.31 -2.17
N GLU A 147 -18.15 -21.22 -2.25
CA GLU A 147 -19.09 -21.24 -3.35
C GLU A 147 -20.12 -20.12 -3.31
N ASP A 148 -20.22 -19.39 -2.20
CA ASP A 148 -21.14 -18.27 -2.08
C ASP A 148 -20.43 -16.91 -2.16
N PHE A 149 -19.11 -16.92 -2.34
CA PHE A 149 -18.36 -15.67 -2.36
C PHE A 149 -18.67 -14.85 -3.60
N ALA A 150 -18.96 -15.50 -4.73
CA ALA A 150 -19.40 -14.77 -5.92
C ALA A 150 -20.73 -14.08 -5.69
N ASP A 151 -21.62 -14.69 -4.89
CA ASP A 151 -22.86 -14.04 -4.51
C ASP A 151 -22.63 -12.86 -3.59
N ALA A 152 -21.67 -12.96 -2.66
CA ALA A 152 -21.33 -11.80 -1.84
C ALA A 152 -20.75 -10.66 -2.67
N VAL A 153 -19.94 -11.00 -3.68
CA VAL A 153 -19.37 -9.98 -4.55
C VAL A 153 -20.46 -9.33 -5.42
N ALA A 154 -21.44 -10.11 -5.87
CA ALA A 154 -22.56 -9.55 -6.62
C ALA A 154 -23.44 -8.66 -5.74
N GLN A 155 -23.58 -9.01 -4.46
CA GLN A 155 -24.30 -8.14 -3.53
C GLN A 155 -23.58 -6.82 -3.31
N ALA A 156 -22.25 -6.88 -3.21
CA ALA A 156 -21.46 -5.66 -3.05
C ALA A 156 -21.51 -4.79 -4.32
N LEU A 157 -21.56 -5.44 -5.49
CA LEU A 157 -21.71 -4.70 -6.74
C LEU A 157 -23.08 -4.04 -6.84
N SER A 158 -24.13 -4.70 -6.32
CA SER A 158 -25.43 -4.07 -6.31
C SER A 158 -25.49 -2.91 -5.32
N VAL A 159 -24.77 -3.00 -4.20
CA VAL A 159 -24.62 -1.87 -3.28
C VAL A 159 -23.98 -0.67 -4.00
N LEU A 160 -22.88 -0.91 -4.72
CA LEU A 160 -22.18 0.18 -5.39
C LEU A 160 -22.99 0.77 -6.54
N ARG A 161 -23.79 -0.06 -7.22
CA ARG A 161 -24.71 0.46 -8.22
C ARG A 161 -25.86 1.23 -7.60
N THR A 162 -26.28 0.83 -6.40
CA THR A 162 -27.39 1.48 -5.72
C THR A 162 -27.01 2.86 -5.22
N VAL A 163 -25.77 3.04 -4.72
CA VAL A 163 -25.35 4.36 -4.27
C VAL A 163 -24.82 5.24 -5.38
N GLY A 164 -24.88 4.79 -6.62
CA GLY A 164 -24.55 5.65 -7.74
C GLY A 164 -23.09 5.77 -8.07
N VAL A 165 -22.30 4.75 -7.82
CA VAL A 165 -20.87 4.76 -8.11
C VAL A 165 -20.64 3.71 -9.20
N ASP A 166 -20.34 4.15 -10.41
CA ASP A 166 -20.00 3.18 -11.45
C ASP A 166 -18.67 3.52 -12.09
N GLY A 167 -17.83 2.49 -12.21
CA GLY A 167 -16.58 2.54 -12.91
C GLY A 167 -16.15 1.10 -12.98
N PRO A 168 -14.92 0.85 -13.43
CA PRO A 168 -14.37 -0.52 -13.28
C PRO A 168 -14.18 -0.80 -11.80
N TYR A 169 -14.57 -1.99 -11.38
CA TYR A 169 -14.51 -2.37 -9.98
C TYR A 169 -13.37 -3.36 -9.79
N SER A 170 -12.47 -3.06 -8.87
CA SER A 170 -11.44 -3.99 -8.48
C SER A 170 -11.82 -4.67 -7.18
N LEU A 171 -11.38 -5.91 -7.01
CA LEU A 171 -11.68 -6.67 -5.80
C LEU A 171 -10.37 -7.09 -5.16
N LEU A 172 -10.10 -6.55 -3.99
CA LEU A 172 -8.87 -6.83 -3.25
C LEU A 172 -9.17 -7.90 -2.22
N LEU A 173 -8.41 -8.99 -2.25
CA LEU A 173 -8.62 -10.08 -1.32
C LEU A 173 -7.44 -10.16 -0.37
N SER A 174 -7.72 -10.54 0.87
CA SER A 174 -6.66 -10.91 1.79
C SER A 174 -6.01 -12.20 1.33
N SER A 175 -4.84 -12.50 1.90
CA SER A 175 -4.07 -13.68 1.48
C SER A 175 -4.82 -14.98 1.78
N ALA A 176 -5.53 -15.03 2.91
CA ALA A 176 -6.34 -16.20 3.22
C ALA A 176 -7.50 -16.35 2.23
N GLU A 177 -8.16 -15.25 1.90
CA GLU A 177 -9.30 -15.30 0.99
C GLU A 177 -8.86 -15.50 -0.45
N TYR A 178 -7.72 -14.90 -0.83
CA TYR A 178 -7.15 -15.15 -2.14
C TYR A 178 -6.73 -16.61 -2.28
N THR A 179 -6.21 -17.21 -1.20
CA THR A 179 -5.85 -18.62 -1.21
C THR A 179 -7.07 -19.50 -1.37
N LYS A 180 -8.14 -19.23 -0.60
CA LYS A 180 -9.38 -20.00 -0.70
C LYS A 180 -10.01 -19.88 -2.08
N VAL A 181 -9.90 -18.71 -2.70
CA VAL A 181 -10.50 -18.54 -4.02
C VAL A 181 -9.64 -19.19 -5.11
N SER A 182 -8.32 -19.15 -4.96
CA SER A 182 -7.43 -19.77 -5.93
C SER A 182 -7.41 -21.28 -5.84
N GLU A 183 -7.76 -21.86 -4.70
CA GLU A 183 -7.72 -23.30 -4.51
C GLU A 183 -9.11 -23.93 -4.49
N SER A 184 -10.03 -23.42 -5.31
CA SER A 184 -11.40 -23.90 -5.28
C SER A 184 -12.02 -23.80 -6.66
N THR A 185 -12.90 -24.77 -6.96
CA THR A 185 -13.67 -24.80 -8.19
C THR A 185 -15.14 -24.95 -7.84
N ASP A 186 -16.01 -24.62 -8.79
CA ASP A 186 -17.45 -24.67 -8.55
C ASP A 186 -18.21 -25.47 -9.60
N HIS A 187 -17.81 -25.41 -10.87
CA HIS A 187 -18.35 -26.28 -11.92
C HIS A 187 -17.23 -26.73 -12.84
N GLY A 188 -16.10 -27.11 -12.24
CA GLY A 188 -14.93 -27.47 -13.00
C GLY A 188 -13.95 -26.34 -13.26
N TYR A 189 -14.38 -25.08 -13.16
CA TYR A 189 -13.54 -23.93 -13.43
C TYR A 189 -13.41 -23.12 -12.15
N PRO A 190 -12.27 -22.44 -11.94
CA PRO A 190 -11.97 -21.90 -10.60
C PRO A 190 -12.86 -20.74 -10.21
N ILE A 191 -12.94 -20.53 -8.90
CA ILE A 191 -13.78 -19.47 -8.34
C ILE A 191 -13.23 -18.08 -8.64
N ARG A 192 -11.93 -17.95 -8.85
CA ARG A 192 -11.36 -16.67 -9.32
C ARG A 192 -11.90 -16.28 -10.68
N GLU A 193 -12.19 -17.25 -11.54
CA GLU A 193 -12.85 -16.95 -12.80
C GLU A 193 -14.36 -16.82 -12.66
N HIS A 194 -14.96 -17.28 -11.55
CA HIS A 194 -16.34 -16.87 -11.26
C HIS A 194 -16.39 -15.42 -10.85
N LEU A 195 -15.35 -14.93 -10.17
CA LEU A 195 -15.28 -13.56 -9.71
C LEU A 195 -14.92 -12.60 -10.83
N SER A 196 -14.02 -13.02 -11.73
CA SER A 196 -13.55 -12.13 -12.77
C SER A 196 -14.56 -11.86 -13.87
N ARG A 197 -15.60 -12.69 -14.00
CA ARG A 197 -16.63 -12.37 -14.99
C ARG A 197 -17.62 -11.34 -14.47
N GLN A 198 -17.76 -11.21 -13.15
CA GLN A 198 -18.62 -10.17 -12.59
C GLN A 198 -17.98 -8.78 -12.66
N LEU A 199 -16.64 -8.69 -12.72
CA LEU A 199 -16.01 -7.40 -12.59
C LEU A 199 -15.96 -6.65 -13.91
N GLY A 200 -15.52 -7.30 -15.00
CA GLY A 200 -15.60 -6.68 -16.30
C GLY A 200 -14.64 -5.54 -16.54
N ALA A 201 -13.35 -5.87 -16.72
CA ALA A 201 -12.16 -5.04 -16.89
C ALA A 201 -11.65 -4.45 -15.57
N GLY A 202 -12.32 -4.71 -14.47
CA GLY A 202 -11.67 -4.60 -13.19
C GLY A 202 -10.93 -5.88 -12.86
N GLU A 203 -10.00 -5.79 -11.91
CA GLU A 203 -9.09 -6.88 -11.63
C GLU A 203 -9.29 -7.41 -10.22
N ILE A 204 -8.66 -8.55 -9.96
CA ILE A 204 -8.73 -9.26 -8.69
C ILE A 204 -7.35 -9.18 -8.06
N ILE A 205 -7.24 -8.44 -6.96
CA ILE A 205 -5.95 -8.09 -6.39
C ILE A 205 -5.71 -8.96 -5.17
N TRP A 206 -4.52 -9.53 -5.08
CA TRP A 206 -4.03 -10.11 -3.84
C TRP A 206 -3.50 -8.97 -2.97
N ALA A 207 -4.14 -8.75 -1.83
CA ALA A 207 -3.79 -7.66 -0.91
C ALA A 207 -3.42 -8.27 0.44
N PRO A 208 -2.15 -8.63 0.65
CA PRO A 208 -1.78 -9.34 1.89
C PRO A 208 -1.89 -8.53 3.17
N ALA A 209 -2.08 -7.22 3.10
CA ALA A 209 -2.33 -6.41 4.29
C ALA A 209 -3.80 -6.29 4.65
N LEU A 210 -4.70 -6.77 3.81
CA LEU A 210 -6.13 -6.73 4.09
C LEU A 210 -6.52 -7.86 5.03
N GLU A 211 -7.68 -7.70 5.68
CA GLU A 211 -8.23 -8.74 6.55
C GLU A 211 -9.31 -9.58 5.88
N GLY A 212 -10.36 -8.95 5.37
CA GLY A 212 -11.37 -9.68 4.64
C GLY A 212 -11.22 -9.47 3.15
N ALA A 213 -12.10 -8.68 2.56
CA ALA A 213 -11.99 -8.30 1.17
C ALA A 213 -12.56 -6.91 0.98
N LEU A 214 -12.26 -6.31 -0.16
CA LEU A 214 -12.70 -4.94 -0.42
C LEU A 214 -13.00 -4.78 -1.90
N LEU A 215 -14.24 -4.44 -2.21
CA LEU A 215 -14.63 -4.05 -3.56
C LEU A 215 -14.51 -2.54 -3.63
N VAL A 216 -13.97 -2.03 -4.72
CA VAL A 216 -13.62 -0.63 -4.82
C VAL A 216 -13.69 -0.22 -6.28
N SER A 217 -14.20 0.98 -6.50
CA SER A 217 -14.27 1.54 -7.84
C SER A 217 -12.91 2.15 -8.20
N THR A 218 -12.44 1.85 -9.40
CA THR A 218 -11.38 2.65 -10.02
C THR A 218 -11.97 3.70 -10.96
N ARG A 219 -12.95 4.43 -10.41
CA ARG A 219 -13.56 5.58 -11.08
C ARG A 219 -12.53 6.65 -11.37
N GLY A 220 -11.74 7.01 -10.36
CA GLY A 220 -10.55 7.80 -10.60
C GLY A 220 -10.51 9.18 -9.99
N GLY A 221 -11.28 9.41 -8.94
CA GLY A 221 -11.15 10.65 -8.20
C GLY A 221 -11.40 10.50 -6.72
N ASP A 222 -11.29 9.27 -6.21
CA ASP A 222 -11.77 8.96 -4.88
C ASP A 222 -10.67 8.83 -3.83
N TYR A 223 -9.49 8.36 -4.21
CA TYR A 223 -8.41 8.13 -3.26
C TYR A 223 -7.11 8.69 -3.84
N GLU A 224 -6.36 9.38 -3.00
CA GLU A 224 -5.15 10.08 -3.43
C GLU A 224 -3.98 9.68 -2.56
N LEU A 225 -2.98 9.04 -3.16
CA LEU A 225 -1.71 8.77 -2.50
C LEU A 225 -0.71 9.82 -2.96
N HIS A 226 -0.26 10.63 -2.03
CA HIS A 226 0.67 11.72 -2.32
C HIS A 226 2.06 11.27 -1.91
N LEU A 227 2.80 10.70 -2.86
CA LEU A 227 4.11 10.14 -2.62
C LEU A 227 5.15 11.25 -2.51
N GLY A 228 5.79 11.36 -1.35
CA GLY A 228 6.89 12.28 -1.23
C GLY A 228 8.18 11.70 -1.76
N GLN A 229 8.69 10.70 -1.07
CA GLN A 229 9.85 9.96 -1.52
C GLN A 229 9.38 8.55 -1.81
N ASP A 230 9.61 8.07 -3.03
CA ASP A 230 9.34 6.70 -3.36
C ASP A 230 10.35 5.78 -2.66
N LEU A 231 10.18 4.46 -2.84
CA LEU A 231 11.00 3.46 -2.16
C LEU A 231 12.49 3.61 -2.45
N SER A 232 13.25 3.97 -1.41
CA SER A 232 14.67 4.26 -1.51
C SER A 232 15.44 3.43 -0.51
N ILE A 233 16.64 3.05 -0.90
CA ILE A 233 17.56 2.30 -0.04
C ILE A 233 18.58 3.27 0.53
N GLY A 234 18.70 3.29 1.85
CA GLY A 234 19.67 4.13 2.50
C GLY A 234 20.69 3.33 3.28
N TYR A 235 21.80 3.96 3.65
CA TYR A 235 22.86 3.34 4.42
C TYR A 235 22.81 3.83 5.86
N TYR A 236 23.03 2.92 6.80
CA TYR A 236 23.03 3.28 8.21
C TYR A 236 24.39 3.06 8.87
N SER A 237 24.96 1.87 8.78
CA SER A 237 26.12 1.49 9.58
C SER A 237 26.73 0.22 8.99
N HIS A 238 27.98 -0.05 9.37
CA HIS A 238 28.60 -1.33 9.00
C HIS A 238 29.72 -1.66 9.96
N ASP A 239 29.97 -2.95 10.09
CA ASP A 239 31.14 -3.46 10.80
C ASP A 239 31.87 -4.37 9.83
N SER A 240 32.79 -5.19 10.34
CA SER A 240 33.59 -6.06 9.48
C SER A 240 32.76 -7.16 8.82
N GLU A 241 31.61 -7.51 9.40
CA GLU A 241 30.84 -8.64 8.91
C GLU A 241 29.60 -8.25 8.12
N THR A 242 28.94 -7.16 8.48
CA THR A 242 27.64 -6.80 7.93
C THR A 242 27.58 -5.32 7.62
N VAL A 243 26.69 -4.97 6.69
CA VAL A 243 26.31 -3.59 6.44
C VAL A 243 24.85 -3.43 6.86
N GLU A 244 24.56 -2.42 7.67
CA GLU A 244 23.20 -2.14 8.08
C GLU A 244 22.63 -1.11 7.12
N LEU A 245 21.50 -1.41 6.51
CA LEU A 245 20.85 -0.55 5.53
C LEU A 245 19.41 -0.33 5.96
N TYR A 246 18.65 0.41 5.16
CA TYR A 246 17.22 0.56 5.40
C TYR A 246 16.50 0.83 4.09
N LEU A 247 15.20 0.55 4.09
CA LEU A 247 14.29 1.01 3.05
C LEU A 247 13.44 2.16 3.60
N GLN A 248 13.06 3.07 2.72
CA GLN A 248 12.32 4.24 3.19
C GLN A 248 11.30 4.70 2.16
N GLU A 249 10.16 5.16 2.67
CA GLU A 249 9.14 5.85 1.89
C GLU A 249 8.55 6.98 2.71
N THR A 250 8.23 8.08 2.04
CA THR A 250 7.43 9.15 2.63
C THR A 250 6.19 9.39 1.79
N PHE A 251 5.05 9.53 2.45
CA PHE A 251 3.81 9.79 1.73
C PHE A 251 2.77 10.38 2.68
N GLY A 252 1.81 11.08 2.07
CA GLY A 252 0.51 11.27 2.65
C GLY A 252 -0.55 10.51 1.85
N PHE A 253 -1.68 10.25 2.49
CA PHE A 253 -2.80 9.56 1.85
C PHE A 253 -4.12 10.20 2.24
N LEU A 254 -4.96 10.47 1.25
CA LEU A 254 -6.28 11.06 1.44
C LEU A 254 -7.35 10.19 0.79
N ALA A 255 -8.30 9.72 1.59
CA ALA A 255 -9.48 9.02 1.08
C ALA A 255 -10.63 10.02 0.99
N LEU A 256 -10.83 10.57 -0.21
CA LEU A 256 -11.83 11.62 -0.41
C LEU A 256 -13.26 11.08 -0.35
N THR A 257 -13.56 10.03 -1.10
CA THR A 257 -14.93 9.58 -1.29
C THR A 257 -15.22 8.36 -0.43
N ASP A 258 -16.16 8.51 0.50
CA ASP A 258 -16.51 7.45 1.42
C ASP A 258 -17.34 6.34 0.77
N GLU A 259 -18.11 6.65 -0.27
CA GLU A 259 -19.14 5.76 -0.78
C GLU A 259 -18.64 4.78 -1.83
N SER A 260 -17.42 4.95 -2.35
CA SER A 260 -17.00 4.22 -3.53
C SER A 260 -16.34 2.88 -3.22
N SER A 261 -16.53 2.34 -2.02
CA SER A 261 -15.99 1.03 -1.70
C SER A 261 -16.92 0.30 -0.74
N VAL A 262 -16.99 -1.01 -0.89
CA VAL A 262 -17.77 -1.89 -0.03
C VAL A 262 -16.81 -2.85 0.65
N PRO A 263 -16.69 -2.82 1.98
CA PRO A 263 -15.89 -3.84 2.66
C PRO A 263 -16.61 -5.17 2.68
N LEU A 264 -15.84 -6.24 2.54
CA LEU A 264 -16.35 -7.60 2.67
C LEU A 264 -15.73 -8.14 3.95
N SER A 265 -16.53 -8.22 5.01
CA SER A 265 -16.00 -8.49 6.33
C SER A 265 -15.85 -9.99 6.57
N LEU A 266 -14.82 -10.34 7.32
CA LEU A 266 -14.58 -11.72 7.69
C LEU A 266 -15.50 -12.13 8.84
#